data_5WCM
#
_entry.id   5WCM
#
_cell.length_a   42.352
_cell.length_b   44.908
_cell.length_c   76.635
_cell.angle_alpha   79.340
_cell.angle_beta   90.590
_cell.angle_gamma   61.680
#
_symmetry.space_group_name_H-M   'P 1'
#
loop_
_entity.id
_entity.type
_entity.pdbx_description
1 polymer 'Blr6230 protein'
2 non-polymer 'ZINC ION'
3 non-polymer 4-nitrobenzenesulfonamide
4 water water
#
_entity_poly.entity_id   1
_entity_poly.type   'polypeptide(L)'
_entity_poly.pdbx_seq_one_letter_code
;KKWTAPFEPFQLIDNIYYVGTDGIAVYVIKTSQGLILMDTAMPQSTGMIKDNIAKLGFKVADIKLILNTHAHLDHTGGFA
EIKKETGAQLVAGERDKPLLEGGYYPGDEKNEDLAFPAVKVDRAVKEGDRVTLGDTTLTAHATPGHSPGCTSWEMTVKDG
KEDREVLFFCSGTVALNRLVGQPTYAGIVDDYRATFAKAKAMKIDVLLGPHPEVYGMQAKRAEMKDGAPNPFIKPGELVT
YATSLSEDFDKQLAKQTAALEKK
;
_entity_poly.pdbx_strand_id   A,B
#
# COMPACT_ATOMS: atom_id res chain seq x y z
N LYS A 1 8.74 -6.13 6.74
CA LYS A 1 7.31 -5.74 6.63
C LYS A 1 7.15 -4.25 6.25
N LYS A 2 6.34 -3.51 7.02
CA LYS A 2 5.87 -2.14 6.64
C LYS A 2 7.00 -1.18 6.29
N TRP A 3 8.11 -1.27 7.02
CA TRP A 3 9.18 -0.30 6.83
C TRP A 3 9.76 -0.28 5.44
N THR A 4 9.80 -1.43 4.76
CA THR A 4 10.34 -1.50 3.40
C THR A 4 9.27 -1.63 2.32
N ALA A 5 8.01 -1.65 2.72
CA ALA A 5 6.87 -1.83 1.80
C ALA A 5 6.55 -0.52 1.08
N PRO A 6 6.14 -0.60 -0.20
CA PRO A 6 5.93 0.61 -0.95
C PRO A 6 4.68 1.38 -0.55
N PHE A 7 4.76 2.69 -0.74
CA PHE A 7 3.62 3.58 -0.62
C PHE A 7 3.72 4.58 -1.75
N GLU A 8 2.61 4.86 -2.42
CA GLU A 8 2.66 5.80 -3.54
C GLU A 8 2.97 7.22 -3.08
N PRO A 9 4.01 7.85 -3.68
CA PRO A 9 4.36 9.19 -3.26
C PRO A 9 3.31 10.20 -3.68
N PHE A 10 3.27 11.33 -2.99
CA PHE A 10 2.24 12.33 -3.25
C PHE A 10 2.61 13.70 -2.72
N GLN A 11 2.02 14.73 -3.30
CA GLN A 11 2.09 16.08 -2.76
C GLN A 11 1.19 16.17 -1.52
N LEU A 12 1.80 16.48 -0.38
CA LEU A 12 1.10 16.44 0.92
C LEU A 12 0.46 17.79 1.23
N ILE A 13 1.25 18.84 1.25
CA ILE A 13 0.72 20.20 1.35
C ILE A 13 1.74 21.16 0.74
N ASP A 14 1.27 22.01 -0.18
CA ASP A 14 2.11 23.04 -0.76
C ASP A 14 3.41 22.40 -1.31
N ASN A 15 4.56 22.82 -0.81
CA ASN A 15 5.86 22.38 -1.32
C ASN A 15 6.44 21.18 -0.56
N ILE A 16 5.60 20.48 0.23
CA ILE A 16 6.01 19.28 0.95
C ILE A 16 5.40 18.04 0.28
N TYR A 17 6.27 17.12 -0.09
CA TYR A 17 5.92 15.90 -0.81
C TYR A 17 6.38 14.68 -0.02
N TYR A 18 5.50 13.68 0.08
CA TYR A 18 5.81 12.41 0.76
C TYR A 18 6.43 11.46 -0.25
N VAL A 19 7.61 10.93 0.08
CA VAL A 19 8.35 9.99 -0.78
C VAL A 19 8.84 8.75 0.00
N GLY A 20 8.27 8.53 1.18
CA GLY A 20 8.68 7.41 2.04
C GLY A 20 8.03 6.09 1.69
N THR A 21 8.12 5.17 2.64
CA THR A 21 7.55 3.82 2.52
C THR A 21 6.23 3.78 3.29
N ASP A 22 5.62 2.59 3.37
CA ASP A 22 4.40 2.44 4.16
C ASP A 22 4.64 2.66 5.68
N GLY A 23 5.88 2.52 6.10
CA GLY A 23 6.23 2.54 7.52
C GLY A 23 7.24 3.57 7.96
N ILE A 24 7.91 4.24 7.01
CA ILE A 24 8.93 5.25 7.30
C ILE A 24 8.65 6.45 6.41
N ALA A 25 8.49 7.62 7.02
CA ALA A 25 8.17 8.85 6.31
C ALA A 25 9.43 9.59 5.89
N VAL A 26 9.49 9.94 4.61
CA VAL A 26 10.55 10.71 4.00
C VAL A 26 9.88 11.79 3.18
N TYR A 27 10.47 12.99 3.13
CA TYR A 27 9.84 14.10 2.42
C TYR A 27 10.83 14.81 1.52
N VAL A 28 10.31 15.32 0.40
CA VAL A 28 10.99 16.31 -0.40
C VAL A 28 10.30 17.64 -0.16
N ILE A 29 11.10 18.67 0.11
CA ILE A 29 10.61 20.04 0.23
C ILE A 29 11.18 20.80 -0.97
N LYS A 30 10.27 21.27 -1.83
CA LYS A 30 10.64 21.94 -3.07
C LYS A 30 10.84 23.43 -2.81
N THR A 31 12.02 23.92 -3.11
CA THR A 31 12.35 25.33 -2.96
C THR A 31 12.69 25.92 -4.33
N SER A 32 12.77 27.23 -4.35
CA SER A 32 13.18 27.97 -5.55
C SER A 32 14.66 27.73 -5.94
N GLN A 33 15.47 27.19 -5.05
CA GLN A 33 16.90 26.96 -5.31
C GLN A 33 17.32 25.50 -5.13
N GLY A 34 16.36 24.61 -5.32
CA GLY A 34 16.63 23.16 -5.24
C GLY A 34 15.78 22.48 -4.19
N LEU A 35 16.15 21.23 -3.90
CA LEU A 35 15.37 20.38 -2.99
C LEU A 35 16.03 20.22 -1.64
N ILE A 36 15.18 20.19 -0.63
CA ILE A 36 15.56 19.73 0.70
C ILE A 36 14.98 18.34 0.90
N LEU A 37 15.83 17.40 1.31
CA LEU A 37 15.39 16.04 1.64
C LEU A 37 15.32 15.92 3.16
N MET A 38 14.13 15.57 3.65
CA MET A 38 13.89 15.36 5.08
C MET A 38 13.93 13.86 5.34
N ASP A 39 15.05 13.43 5.92
CA ASP A 39 15.33 12.05 6.30
C ASP A 39 15.53 11.12 5.10
N THR A 40 15.90 9.88 5.41
CA THR A 40 15.88 8.77 4.46
C THR A 40 15.20 7.58 5.16
N ALA A 41 15.43 6.36 4.69
CA ALA A 41 14.79 5.20 5.28
C ALA A 41 15.86 4.18 5.65
N MET A 42 15.50 2.91 5.74
CA MET A 42 16.49 1.88 6.07
C MET A 42 17.59 1.85 5.05
N PRO A 43 18.79 1.39 5.47
CA PRO A 43 19.91 1.34 4.54
C PRO A 43 19.62 0.61 3.22
N GLN A 44 18.80 -0.45 3.28
CA GLN A 44 18.41 -1.22 2.09
C GLN A 44 17.38 -0.57 1.18
N SER A 45 16.79 0.54 1.63
CA SER A 45 15.64 1.15 0.94
C SER A 45 15.99 2.40 0.15
N THR A 46 17.26 2.74 0.07
CA THR A 46 17.65 4.00 -0.56
C THR A 46 17.21 4.09 -2.02
N GLY A 47 17.35 2.99 -2.75
CA GLY A 47 16.89 2.91 -4.15
C GLY A 47 15.40 3.22 -4.31
N MET A 48 14.59 2.65 -3.40
CA MET A 48 13.13 2.90 -3.40
C MET A 48 12.85 4.38 -3.18
N ILE A 49 13.56 5.00 -2.23
CA ILE A 49 13.36 6.42 -1.95
C ILE A 49 13.70 7.26 -3.19
N LYS A 50 14.84 6.96 -3.80
CA LYS A 50 15.24 7.69 -5.01
C LYS A 50 14.21 7.52 -6.14
N ASP A 51 13.66 6.31 -6.26
CA ASP A 51 12.66 6.04 -7.28
C ASP A 51 11.38 6.84 -7.01
N ASN A 52 11.00 6.94 -5.74
CA ASN A 52 9.81 7.73 -5.35
C ASN A 52 9.97 9.19 -5.69
N ILE A 53 11.16 9.71 -5.42
CA ILE A 53 11.51 11.10 -5.78
C ILE A 53 11.33 11.30 -7.29
N ALA A 54 11.86 10.37 -8.09
CA ALA A 54 11.74 10.43 -9.57
C ALA A 54 10.30 10.30 -10.04
N LYS A 55 9.52 9.44 -9.40
CA LYS A 55 8.09 9.25 -9.76
C LYS A 55 7.28 10.55 -9.70
N LEU A 56 7.65 11.44 -8.79
CA LEU A 56 7.01 12.76 -8.68
C LEU A 56 7.53 13.80 -9.66
N GLY A 57 8.57 13.45 -10.41
CA GLY A 57 9.18 14.35 -11.38
C GLY A 57 10.36 15.15 -10.86
N PHE A 58 10.80 14.84 -9.65
CA PHE A 58 12.00 15.45 -9.10
C PHE A 58 13.24 14.74 -9.57
N LYS A 59 14.34 15.48 -9.49
CA LYS A 59 15.68 14.94 -9.74
C LYS A 59 16.43 14.82 -8.42
N VAL A 60 16.93 13.63 -8.13
CA VAL A 60 17.77 13.43 -6.95
C VAL A 60 18.95 14.39 -6.94
N ALA A 61 19.53 14.64 -8.12
CA ALA A 61 20.66 15.57 -8.25
C ALA A 61 20.37 17.00 -7.79
N ASP A 62 19.09 17.37 -7.70
CA ASP A 62 18.69 18.70 -7.24
C ASP A 62 18.62 18.86 -5.73
N ILE A 63 18.88 17.79 -4.99
CA ILE A 63 18.94 17.87 -3.52
C ILE A 63 20.17 18.63 -3.09
N LYS A 64 19.97 19.72 -2.36
CA LYS A 64 21.04 20.59 -1.87
C LYS A 64 21.31 20.42 -0.39
N LEU A 65 20.25 20.12 0.36
CA LEU A 65 20.33 19.94 1.81
C LEU A 65 19.60 18.67 2.18
N ILE A 66 20.18 17.96 3.13
CA ILE A 66 19.55 16.82 3.75
C ILE A 66 19.41 17.19 5.22
N LEU A 67 18.18 17.12 5.74
CA LEU A 67 17.92 17.37 7.16
C LEU A 67 17.55 16.07 7.83
N ASN A 68 17.91 15.96 9.11
CA ASN A 68 17.55 14.76 9.89
C ASN A 68 16.68 15.18 11.06
N THR A 69 15.67 14.36 11.34
CA THR A 69 14.90 14.46 12.60
C THR A 69 15.68 13.83 13.74
N HIS A 70 16.09 12.58 13.55
CA HIS A 70 16.90 11.91 14.58
C HIS A 70 17.70 10.77 14.02
N ALA A 71 18.79 10.45 14.70
CA ALA A 71 19.84 9.62 14.11
C ALA A 71 19.70 8.14 14.48
N HIS A 72 18.63 7.52 14.01
CA HIS A 72 18.47 6.06 14.01
C HIS A 72 18.48 5.55 12.59
N LEU A 73 18.94 4.31 12.42
CA LEU A 73 19.19 3.72 11.10
C LEU A 73 17.99 3.74 10.14
N ASP A 74 16.78 3.69 10.70
CA ASP A 74 15.59 3.69 9.86
C ASP A 74 15.28 5.08 9.26
N HIS A 75 16.00 6.11 9.71
CA HIS A 75 15.91 7.47 9.14
C HIS A 75 17.18 7.95 8.50
N THR A 76 18.31 7.32 8.83
CA THR A 76 19.62 7.76 8.36
C THR A 76 20.26 6.83 7.32
N GLY A 77 19.56 5.76 6.98
CA GLY A 77 20.18 4.67 6.22
C GLY A 77 20.66 5.05 4.86
N GLY A 78 20.08 6.08 4.26
CA GLY A 78 20.49 6.54 2.93
C GLY A 78 21.31 7.80 2.91
N PHE A 79 21.68 8.32 4.08
CA PHE A 79 22.37 9.62 4.11
C PHE A 79 23.74 9.58 3.41
N ALA A 80 24.58 8.61 3.75
CA ALA A 80 25.93 8.59 3.20
C ALA A 80 25.85 8.47 1.67
N GLU A 81 24.95 7.64 1.17
CA GLU A 81 24.81 7.41 -0.27
C GLU A 81 24.31 8.67 -0.98
N ILE A 82 23.21 9.21 -0.47
CA ILE A 82 22.60 10.36 -1.14
C ILE A 82 23.52 11.58 -1.05
N LYS A 83 24.17 11.77 0.10
CA LYS A 83 25.10 12.89 0.23
C LYS A 83 26.24 12.78 -0.78
N LYS A 84 26.80 11.59 -0.93
CA LYS A 84 27.93 11.40 -1.85
C LYS A 84 27.49 11.66 -3.28
N GLU A 85 26.33 11.14 -3.67
CA GLU A 85 25.92 11.26 -5.07
C GLU A 85 25.44 12.66 -5.46
N THR A 86 24.96 13.42 -4.49
CA THR A 86 24.41 14.75 -4.77
C THR A 86 25.34 15.91 -4.43
N GLY A 87 26.28 15.68 -3.52
CA GLY A 87 27.09 16.76 -2.93
C GLY A 87 26.33 17.65 -1.94
N ALA A 88 25.16 17.21 -1.50
CA ALA A 88 24.36 17.97 -0.53
C ALA A 88 25.06 18.09 0.83
N GLN A 89 24.62 19.07 1.60
CA GLN A 89 25.05 19.22 2.97
C GLN A 89 24.05 18.55 3.89
N LEU A 90 24.55 17.91 4.94
CA LEU A 90 23.74 17.29 6.00
C LEU A 90 23.65 18.20 7.22
N VAL A 91 22.41 18.44 7.64
CA VAL A 91 22.09 19.32 8.76
C VAL A 91 21.35 18.50 9.83
N ALA A 92 21.83 18.55 11.06
CA ALA A 92 21.27 17.74 12.13
C ALA A 92 21.54 18.37 13.48
N GLY A 93 20.73 17.99 14.47
CA GLY A 93 20.94 18.43 15.82
C GLY A 93 22.31 18.10 16.35
N GLU A 94 22.92 19.07 17.04
CA GLU A 94 24.32 18.91 17.46
C GLU A 94 24.58 17.64 18.27
N ARG A 95 23.71 17.28 19.20
CA ARG A 95 23.96 16.13 20.06
C ARG A 95 23.78 14.78 19.36
N ASP A 96 23.20 14.77 18.14
CA ASP A 96 23.15 13.56 17.31
C ASP A 96 24.36 13.44 16.39
N LYS A 97 25.20 14.47 16.31
CA LYS A 97 26.38 14.42 15.44
C LYS A 97 27.26 13.18 15.72
N PRO A 98 27.53 12.85 16.99
CA PRO A 98 28.40 11.68 17.19
C PRO A 98 27.75 10.37 16.67
N LEU A 99 26.43 10.27 16.79
CA LEU A 99 25.69 9.10 16.30
C LEU A 99 25.77 8.98 14.78
N LEU A 100 25.54 10.11 14.12
CA LEU A 100 25.58 10.16 12.66
C LEU A 100 26.97 9.84 12.14
N GLU A 101 27.97 10.47 12.76
CA GLU A 101 29.35 10.29 12.32
C GLU A 101 29.95 8.94 12.68
N GLY A 102 29.36 8.24 13.66
CA GLY A 102 29.81 6.90 14.04
C GLY A 102 29.00 5.76 13.46
N GLY A 103 27.78 6.06 13.02
CA GLY A 103 26.85 5.05 12.50
C GLY A 103 26.43 3.99 13.50
N TYR A 104 26.14 4.40 14.72
CA TYR A 104 25.83 3.48 15.81
C TYR A 104 24.59 3.93 16.57
N TYR A 105 24.03 2.99 17.33
CA TYR A 105 22.89 3.23 18.22
C TYR A 105 23.44 3.61 19.60
N PRO A 106 23.00 4.76 20.14
CA PRO A 106 23.57 5.21 21.41
C PRO A 106 23.26 4.23 22.55
N GLY A 107 24.27 3.93 23.35
CA GLY A 107 24.14 2.97 24.46
C GLY A 107 24.03 1.51 24.03
N ASP A 108 24.21 1.25 22.74
CA ASP A 108 24.18 -0.11 22.18
C ASP A 108 25.10 -0.12 20.94
N GLU A 109 26.31 0.39 21.12
CA GLU A 109 27.21 0.76 20.02
C GLU A 109 27.81 -0.41 19.25
N LYS A 110 27.79 -1.60 19.85
CA LYS A 110 28.30 -2.81 19.17
C LYS A 110 27.22 -3.61 18.43
N ASN A 111 25.98 -3.15 18.51
CA ASN A 111 24.88 -3.83 17.85
C ASN A 111 24.86 -3.51 16.36
N GLU A 112 25.42 -4.41 15.57
CA GLU A 112 25.53 -4.21 14.12
C GLU A 112 24.18 -4.13 13.42
N ASP A 113 23.13 -4.73 13.99
CA ASP A 113 21.85 -4.66 13.33
CA ASP A 113 21.76 -4.68 13.48
C ASP A 113 21.22 -3.26 13.42
N LEU A 114 21.75 -2.40 14.27
CA LEU A 114 21.29 -1.00 14.39
C LEU A 114 22.29 -0.01 13.80
N ALA A 115 23.37 -0.53 13.21
CA ALA A 115 24.37 0.33 12.56
C ALA A 115 23.86 0.84 11.21
N PHE A 116 24.48 1.92 10.76
CA PHE A 116 24.21 2.48 9.45
C PHE A 116 25.48 3.12 8.89
N PRO A 117 25.49 3.40 7.59
CA PRO A 117 26.71 3.99 7.03
C PRO A 117 26.98 5.38 7.58
N ALA A 118 28.16 5.55 8.15
CA ALA A 118 28.52 6.78 8.83
C ALA A 118 28.53 7.97 7.87
N VAL A 119 28.13 9.14 8.37
CA VAL A 119 27.99 10.31 7.53
C VAL A 119 28.40 11.53 8.34
N LYS A 120 29.11 12.43 7.68
CA LYS A 120 29.55 13.67 8.34
C LYS A 120 28.43 14.71 8.34
N VAL A 121 28.35 15.42 9.46
CA VAL A 121 27.38 16.50 9.63
C VAL A 121 28.06 17.80 9.21
N ASP A 122 27.49 18.46 8.21
CA ASP A 122 28.01 19.75 7.74
C ASP A 122 27.61 20.91 8.63
N ARG A 123 26.38 20.88 9.14
CA ARG A 123 25.89 21.93 10.02
C ARG A 123 25.17 21.31 11.20
N ALA A 124 25.69 21.57 12.38
CA ALA A 124 25.14 21.07 13.63
C ALA A 124 24.26 22.17 14.18
N VAL A 125 22.98 21.90 14.36
CA VAL A 125 22.03 22.93 14.76
C VAL A 125 21.64 22.84 16.23
N LYS A 126 21.20 24.00 16.71
CA LYS A 126 20.65 24.15 18.07
C LYS A 126 19.30 24.83 17.97
N GLU A 127 18.57 24.82 19.09
CA GLU A 127 17.24 25.45 19.20
C GLU A 127 17.24 26.83 18.55
N GLY A 128 16.28 27.04 17.66
CA GLY A 128 16.07 28.32 16.99
C GLY A 128 16.88 28.60 15.73
N ASP A 129 17.83 27.73 15.40
CA ASP A 129 18.60 27.92 14.18
C ASP A 129 17.71 27.84 12.95
N ARG A 130 18.01 28.70 11.99
CA ARG A 130 17.24 28.82 10.73
C ARG A 130 18.05 28.29 9.57
N VAL A 131 17.43 27.40 8.81
CA VAL A 131 18.04 26.73 7.67
C VAL A 131 17.27 27.17 6.44
N THR A 132 17.96 27.89 5.55
CA THR A 132 17.32 28.50 4.38
C THR A 132 17.89 27.92 3.09
N LEU A 133 17.00 27.56 2.18
CA LEU A 133 17.34 27.27 0.80
C LEU A 133 16.36 28.05 -0.07
N GLY A 134 16.88 28.99 -0.83
CA GLY A 134 16.03 29.84 -1.66
C GLY A 134 14.92 30.54 -0.88
N ASP A 135 13.68 30.29 -1.29
CA ASP A 135 12.45 30.87 -0.70
C ASP A 135 11.92 30.16 0.54
N THR A 136 12.66 29.17 1.05
CA THR A 136 12.16 28.28 2.08
C THR A 136 13.10 28.24 3.27
N THR A 137 12.55 28.47 4.46
CA THR A 137 13.29 28.42 5.71
C THR A 137 12.61 27.47 6.70
N LEU A 138 13.41 26.58 7.25
CA LEU A 138 12.99 25.73 8.37
C LEU A 138 13.70 26.18 9.64
N THR A 139 12.98 26.07 10.75
CA THR A 139 13.51 26.42 12.06
C THR A 139 13.68 25.16 12.90
N ALA A 140 14.87 25.00 13.46
CA ALA A 140 15.19 23.85 14.32
C ALA A 140 14.63 24.04 15.71
N HIS A 141 14.00 23.00 16.24
CA HIS A 141 13.60 22.96 17.65
C HIS A 141 14.25 21.75 18.33
N ALA A 142 14.94 21.99 19.42
CA ALA A 142 15.55 20.92 20.18
C ALA A 142 14.47 20.18 20.98
N THR A 143 14.18 18.96 20.56
CA THR A 143 13.18 18.11 21.21
C THR A 143 13.80 16.73 21.52
N PRO A 144 14.83 16.71 22.39
CA PRO A 144 15.53 15.48 22.69
C PRO A 144 14.71 14.49 23.53
N GLY A 145 15.25 13.28 23.61
CA GLY A 145 14.64 12.17 24.36
C GLY A 145 14.77 10.92 23.53
N HIS A 146 14.03 10.89 22.43
CA HIS A 146 14.09 9.73 21.54
C HIS A 146 15.51 9.53 21.02
N SER A 147 16.21 10.63 20.77
CA SER A 147 17.66 10.61 20.56
C SER A 147 18.19 11.87 21.28
N PRO A 148 19.51 11.94 21.57
CA PRO A 148 19.99 13.09 22.34
C PRO A 148 19.93 14.41 21.55
N GLY A 149 19.97 14.31 20.22
CA GLY A 149 19.91 15.47 19.33
C GLY A 149 18.67 15.58 18.46
N CYS A 150 17.62 14.91 18.86
CA CYS A 150 16.35 14.83 18.12
C CYS A 150 15.84 16.25 17.85
N THR A 151 15.68 16.60 16.58
CA THR A 151 15.35 17.95 16.14
C THR A 151 14.04 17.94 15.39
N SER A 152 13.07 18.69 15.91
CA SER A 152 11.81 18.91 15.22
C SER A 152 11.92 20.16 14.38
N TRP A 153 11.46 20.09 13.15
CA TRP A 153 11.68 21.15 12.17
C TRP A 153 10.37 21.87 11.84
N GLU A 154 10.38 23.21 12.00
CA GLU A 154 9.21 24.06 11.77
CA GLU A 154 9.18 24.01 11.72
C GLU A 154 9.34 24.75 10.41
N MET A 155 8.25 24.81 9.63
CA MET A 155 8.19 25.60 8.40
CA MET A 155 8.20 25.69 8.46
C MET A 155 6.77 26.10 8.17
N THR A 156 6.68 27.16 7.38
CA THR A 156 5.41 27.77 7.00
C THR A 156 5.09 27.32 5.60
N VAL A 157 3.86 26.89 5.40
CA VAL A 157 3.33 26.61 4.06
C VAL A 157 2.08 27.47 3.82
N LYS A 158 1.62 27.47 2.57
CA LYS A 158 0.36 28.12 2.20
C LYS A 158 -0.76 27.12 2.04
N ASP A 159 -1.92 27.52 2.54
CA ASP A 159 -3.17 26.84 2.26
C ASP A 159 -4.09 27.91 1.69
N GLY A 160 -4.23 27.89 0.36
CA GLY A 160 -4.82 29.04 -0.36
C GLY A 160 -4.00 30.29 -0.04
N LYS A 161 -4.68 31.30 0.51
CA LYS A 161 -4.06 32.62 0.82
C LYS A 161 -3.35 32.65 2.16
N GLU A 162 -3.64 31.67 2.99
CA GLU A 162 -3.23 31.69 4.41
C GLU A 162 -2.02 30.88 4.73
N ASP A 163 -1.29 31.35 5.74
CA ASP A 163 -0.17 30.60 6.31
C ASP A 163 -0.67 29.46 7.18
N ARG A 164 0.04 28.34 7.10
CA ARG A 164 -0.10 27.24 8.06
C ARG A 164 1.28 26.76 8.50
N GLU A 165 1.39 26.52 9.80
CA GLU A 165 2.67 26.13 10.40
C GLU A 165 2.78 24.61 10.53
N VAL A 166 3.85 24.08 9.92
CA VAL A 166 4.13 22.65 9.89
C VAL A 166 5.23 22.32 10.89
N LEU A 167 5.07 21.22 11.63
CA LEU A 167 6.20 20.66 12.39
C LEU A 167 6.49 19.24 11.94
N PHE A 168 7.72 19.03 11.47
CA PHE A 168 8.26 17.67 11.32
C PHE A 168 8.72 17.27 12.71
N PHE A 169 7.83 16.68 13.48
CA PHE A 169 8.13 16.29 14.85
C PHE A 169 9.12 15.14 14.81
N CYS A 170 10.12 15.16 15.69
CA CYS A 170 11.29 14.27 15.49
C CYS A 170 11.10 12.83 15.95
N SER A 171 10.05 12.60 16.75
CA SER A 171 9.68 11.33 17.43
CA SER A 171 9.69 11.35 17.45
C SER A 171 9.84 11.52 18.95
N GLY A 172 8.89 10.96 19.68
CA GLY A 172 8.90 10.98 21.14
C GLY A 172 8.57 9.65 21.78
N THR A 173 8.72 8.57 21.04
CA THR A 173 8.47 7.23 21.55
C THR A 173 9.66 6.76 22.39
N VAL A 174 9.41 5.86 23.33
CA VAL A 174 10.48 5.20 24.10
C VAL A 174 11.23 4.18 23.23
N ALA A 175 10.47 3.36 22.53
CA ALA A 175 11.01 2.42 21.56
C ALA A 175 12.11 1.58 22.19
N LEU A 176 13.31 1.55 21.62
CA LEU A 176 14.42 0.72 22.15
C LEU A 176 15.20 1.35 23.31
N ASN A 177 14.88 2.59 23.65
CA ASN A 177 15.70 3.29 24.65
C ASN A 177 15.56 2.74 26.06
N ARG A 178 16.68 2.75 26.78
CA ARG A 178 16.74 2.46 28.21
C ARG A 178 16.65 3.78 28.96
N LEU A 179 15.69 3.88 29.86
CA LEU A 179 15.43 5.10 30.63
C LEU A 179 16.11 5.13 31.98
N VAL A 180 16.32 3.93 32.54
CA VAL A 180 16.85 3.76 33.89
C VAL A 180 17.79 2.56 33.89
N GLY A 181 18.55 2.45 34.97
CA GLY A 181 19.56 1.41 35.14
C GLY A 181 20.86 1.89 34.51
N GLN A 182 21.00 1.58 33.23
CA GLN A 182 22.07 2.09 32.38
C GLN A 182 21.41 2.89 31.26
N PRO A 183 21.02 4.16 31.54
CA PRO A 183 20.24 4.88 30.54
C PRO A 183 20.99 5.05 29.22
N THR A 184 20.23 5.04 28.13
CA THR A 184 20.77 5.14 26.78
C THR A 184 21.72 6.31 26.62
N TYR A 185 21.35 7.43 27.22
CA TYR A 185 22.29 8.53 27.40
C TYR A 185 21.91 9.30 28.65
N ALA A 186 22.85 10.10 29.16
CA ALA A 186 22.65 10.85 30.40
C ALA A 186 21.60 11.95 30.25
N GLY A 187 20.61 11.93 31.14
CA GLY A 187 19.56 12.96 31.17
C GLY A 187 18.38 12.67 30.25
N ILE A 188 18.32 11.44 29.72
CA ILE A 188 17.26 11.03 28.79
C ILE A 188 15.84 11.25 29.34
N VAL A 189 15.62 10.91 30.60
CA VAL A 189 14.27 11.05 31.19
C VAL A 189 13.84 12.52 31.21
N ASP A 190 14.73 13.39 31.70
CA ASP A 190 14.41 14.83 31.73
C ASP A 190 14.14 15.38 30.33
N ASP A 191 14.93 14.92 29.36
CA ASP A 191 14.74 15.33 27.97
C ASP A 191 13.34 14.98 27.47
N TYR A 192 12.93 13.73 27.64
CA TYR A 192 11.57 13.32 27.22
C TYR A 192 10.48 14.20 27.86
N ARG A 193 10.59 14.40 29.17
CA ARG A 193 9.62 15.24 29.92
C ARG A 193 9.53 16.64 29.34
N ALA A 194 10.68 17.25 29.16
CA ALA A 194 10.77 18.59 28.59
C ALA A 194 10.16 18.66 27.19
N THR A 195 10.43 17.62 26.40
CA THR A 195 9.95 17.56 25.03
C THR A 195 8.43 17.43 24.93
N PHE A 196 7.83 16.59 25.76
CA PHE A 196 6.37 16.47 25.77
C PHE A 196 5.74 17.83 26.09
N ALA A 197 6.25 18.49 27.13
CA ALA A 197 5.75 19.82 27.51
C ALA A 197 5.94 20.87 26.41
N LYS A 198 7.14 20.88 25.83
CA LYS A 198 7.47 21.81 24.75
C LYS A 198 6.53 21.60 23.55
N ALA A 199 6.32 20.35 23.17
CA ALA A 199 5.45 20.04 22.04
C ALA A 199 4.02 20.55 22.27
N LYS A 200 3.52 20.37 23.49
CA LYS A 200 2.15 20.84 23.79
C LYS A 200 1.96 22.35 23.76
N ALA A 201 3.05 23.11 23.87
CA ALA A 201 3.00 24.58 23.85
C ALA A 201 3.18 25.22 22.48
N MET A 202 3.50 24.42 21.46
CA MET A 202 3.75 24.93 20.12
C MET A 202 2.42 25.09 19.38
N LYS A 203 2.35 26.13 18.58
CA LYS A 203 1.19 26.43 17.75
C LYS A 203 1.46 25.87 16.36
N ILE A 204 0.96 24.67 16.13
CA ILE A 204 1.26 23.91 14.91
C ILE A 204 -0.03 23.46 14.25
N ASP A 205 -0.15 23.81 12.98
CA ASP A 205 -1.33 23.47 12.16
C ASP A 205 -1.26 22.04 11.59
N VAL A 206 -0.05 21.63 11.19
CA VAL A 206 0.18 20.39 10.43
C VAL A 206 1.27 19.59 11.12
N LEU A 207 0.88 18.49 11.75
CA LEU A 207 1.80 17.59 12.41
C LEU A 207 2.29 16.57 11.38
N LEU A 208 3.63 16.50 11.24
CA LEU A 208 4.29 15.44 10.47
C LEU A 208 5.30 14.77 11.37
N GLY A 209 5.96 13.74 10.86
CA GLY A 209 6.98 13.03 11.63
C GLY A 209 7.65 11.97 10.78
N PRO A 210 8.63 11.27 11.37
CA PRO A 210 9.46 10.35 10.59
C PRO A 210 8.87 8.96 10.42
N HIS A 211 7.73 8.70 11.05
CA HIS A 211 6.93 7.52 10.78
C HIS A 211 5.50 7.99 10.52
N PRO A 212 4.81 7.37 9.54
CA PRO A 212 3.46 7.83 9.22
C PRO A 212 2.47 7.69 10.37
N GLU A 213 2.77 6.79 11.30
CA GLU A 213 1.94 6.59 12.51
C GLU A 213 1.92 7.79 13.44
N VAL A 214 2.91 8.66 13.33
CA VAL A 214 2.96 9.88 14.13
C VAL A 214 1.71 10.74 13.91
N TYR A 215 1.19 10.71 12.69
CA TYR A 215 0.11 11.60 12.26
C TYR A 215 -1.00 10.93 11.42
N GLY A 216 -1.08 9.61 11.45
CA GLY A 216 -2.13 8.90 10.70
C GLY A 216 -2.15 9.26 9.23
N MET A 217 -0.97 9.15 8.61
CA MET A 217 -0.77 9.63 7.23
C MET A 217 -1.75 8.98 6.25
N GLN A 218 -1.88 7.67 6.33
CA GLN A 218 -2.61 6.89 5.32
C GLN A 218 -4.09 7.30 5.27
N ALA A 219 -4.67 7.48 6.45
CA ALA A 219 -6.09 7.89 6.56
C ALA A 219 -6.33 9.28 5.98
N LYS A 220 -5.41 10.20 6.25
CA LYS A 220 -5.48 11.56 5.70
C LYS A 220 -5.30 11.57 4.18
N ARG A 221 -4.34 10.82 3.67
CA ARG A 221 -4.14 10.71 2.22
C ARG A 221 -5.43 10.25 1.49
N ALA A 222 -6.10 9.28 2.11
CA ALA A 222 -7.38 8.76 1.59
C ALA A 222 -8.47 9.82 1.49
N GLU A 223 -8.45 10.77 2.41
CA GLU A 223 -9.45 11.86 2.43
C GLU A 223 -9.15 13.05 1.49
N MET A 224 -7.99 13.05 0.83
CA MET A 224 -7.62 14.17 -0.08
C MET A 224 -8.48 14.20 -1.33
N LYS A 225 -8.97 15.38 -1.65
CA LYS A 225 -9.80 15.61 -2.85
C LYS A 225 -9.61 17.06 -3.30
N ASP A 226 -9.51 17.27 -4.61
CA ASP A 226 -9.42 18.62 -5.18
C ASP A 226 -10.60 19.44 -4.72
N GLY A 227 -10.29 20.60 -4.16
CA GLY A 227 -11.29 21.53 -3.64
C GLY A 227 -11.86 21.20 -2.27
N ALA A 228 -11.46 20.08 -1.65
CA ALA A 228 -11.84 19.79 -0.25
C ALA A 228 -10.70 20.19 0.70
N PRO A 229 -10.99 20.46 2.00
CA PRO A 229 -9.94 20.94 2.90
C PRO A 229 -8.79 19.94 2.99
N ASN A 230 -7.56 20.45 3.06
CA ASN A 230 -6.38 19.56 3.18
C ASN A 230 -6.48 18.83 4.53
N PRO A 231 -6.61 17.48 4.51
CA PRO A 231 -6.80 16.75 5.77
C PRO A 231 -5.59 16.71 6.70
N PHE A 232 -4.43 17.10 6.19
CA PHE A 232 -3.24 17.20 7.04
C PHE A 232 -3.23 18.42 7.97
N ILE A 233 -4.17 19.35 7.75
CA ILE A 233 -4.37 20.48 8.67
C ILE A 233 -5.29 20.00 9.80
N LYS A 234 -4.69 19.75 10.97
CA LYS A 234 -5.37 19.42 12.21
C LYS A 234 -4.59 20.09 13.35
N PRO A 235 -4.92 21.36 13.69
CA PRO A 235 -4.07 22.11 14.63
C PRO A 235 -3.98 21.62 16.08
N GLY A 236 -4.93 20.81 16.53
CA GLY A 236 -4.85 20.24 17.90
C GLY A 236 -4.04 18.95 18.06
N GLU A 237 -3.51 18.44 16.96
CA GLU A 237 -3.03 17.07 16.95
C GLU A 237 -1.74 16.87 17.74
N LEU A 238 -0.84 17.85 17.68
CA LEU A 238 0.43 17.69 18.37
C LEU A 238 0.20 17.59 19.91
N VAL A 239 -0.75 18.38 20.42
CA VAL A 239 -1.14 18.26 21.85
C VAL A 239 -1.64 16.85 22.18
N THR A 240 -2.58 16.37 21.37
CA THR A 240 -3.17 15.04 21.58
C THR A 240 -2.09 13.96 21.53
N TYR A 241 -1.25 14.03 20.50
CA TYR A 241 -0.19 13.05 20.27
C TYR A 241 0.87 13.09 21.39
N ALA A 242 1.30 14.29 21.76
CA ALA A 242 2.28 14.42 22.87
C ALA A 242 1.71 13.88 24.20
N THR A 243 0.41 14.09 24.40
CA THR A 243 -0.26 13.54 25.59
C THR A 243 -0.22 12.02 25.58
N SER A 244 -0.53 11.43 24.43
CA SER A 244 -0.45 9.96 24.30
C SER A 244 0.96 9.44 24.55
N LEU A 245 1.94 10.15 23.99
CA LEU A 245 3.35 9.80 24.20
C LEU A 245 3.77 9.88 25.67
N SER A 246 3.33 10.94 26.35
CA SER A 246 3.66 11.15 27.75
C SER A 246 3.07 10.04 28.63
N GLU A 247 1.84 9.65 28.31
CA GLU A 247 1.16 8.57 29.03
C GLU A 247 1.86 7.23 28.82
N ASP A 248 2.26 6.94 27.58
CA ASP A 248 3.04 5.72 27.34
C ASP A 248 4.42 5.76 28.00
N PHE A 249 5.04 6.95 28.00
CA PHE A 249 6.34 7.16 28.67
C PHE A 249 6.25 6.73 30.13
N ASP A 250 5.24 7.22 30.82
CA ASP A 250 5.02 6.85 32.23
C ASP A 250 4.94 5.35 32.43
N LYS A 251 4.21 4.67 31.55
CA LYS A 251 4.10 3.20 31.61
C LYS A 251 5.45 2.50 31.39
N GLN A 252 6.17 2.95 30.37
CA GLN A 252 7.49 2.37 30.08
C GLN A 252 8.52 2.62 31.18
N LEU A 253 8.49 3.82 31.74
CA LEU A 253 9.38 4.16 32.86
C LEU A 253 9.10 3.24 34.06
N ALA A 254 7.81 3.03 34.35
CA ALA A 254 7.42 2.16 35.46
C ALA A 254 7.85 0.70 35.19
N LYS A 255 7.65 0.24 33.95
CA LYS A 255 8.02 -1.13 33.56
C LYS A 255 9.51 -1.35 33.68
N GLN A 256 10.29 -0.42 33.15
CA GLN A 256 11.75 -0.50 33.21
C GLN A 256 12.29 -0.41 34.63
N THR A 257 11.66 0.45 35.42
CA THR A 257 12.01 0.60 36.84
C THR A 257 11.76 -0.70 37.60
N ALA A 258 10.58 -1.27 37.40
CA ALA A 258 10.24 -2.56 38.05
C ALA A 258 11.20 -3.67 37.64
N ALA A 259 11.63 -3.66 36.38
CA ALA A 259 12.58 -4.64 35.84
C ALA A 259 14.01 -4.56 36.42
N LEU A 260 14.34 -3.44 37.05
CA LEU A 260 15.63 -3.32 37.77
C LEU A 260 15.72 -4.18 39.03
N GLU A 261 14.56 -4.50 39.61
CA GLU A 261 14.48 -5.40 40.76
C GLU A 261 14.78 -6.80 40.22
N LYS A 262 16.03 -7.19 40.40
CA LYS A 262 16.51 -8.50 39.96
C LYS A 262 15.83 -9.59 40.76
N LYS A 263 15.34 -10.59 40.03
CA LYS A 263 14.77 -11.78 40.61
C LYS A 263 15.62 -12.97 40.19
N LYS B 1 -17.13 -15.89 6.36
CA LYS B 1 -16.07 -15.89 7.41
C LYS B 1 -14.75 -15.37 6.84
N LYS B 2 -14.12 -16.16 5.99
CA LYS B 2 -12.91 -15.71 5.26
C LYS B 2 -13.25 -14.60 4.27
N TRP B 3 -14.41 -14.69 3.65
CA TRP B 3 -14.81 -13.73 2.61
C TRP B 3 -14.82 -12.28 3.08
N THR B 4 -15.23 -12.02 4.32
CA THR B 4 -15.17 -10.66 4.90
C THR B 4 -13.97 -10.40 5.82
N ALA B 5 -13.14 -11.43 6.05
CA ALA B 5 -11.98 -11.30 6.95
C ALA B 5 -10.88 -10.45 6.29
N PRO B 6 -10.11 -9.72 7.09
CA PRO B 6 -9.12 -8.85 6.46
C PRO B 6 -7.91 -9.58 5.95
N PHE B 7 -7.30 -8.95 4.95
CA PHE B 7 -5.98 -9.32 4.52
C PHE B 7 -5.25 -8.02 4.19
N GLU B 8 -3.99 -7.93 4.64
CA GLU B 8 -3.22 -6.73 4.38
C GLU B 8 -2.86 -6.63 2.89
N PRO B 9 -3.20 -5.49 2.25
CA PRO B 9 -2.86 -5.37 0.83
C PRO B 9 -1.37 -5.34 0.58
N PHE B 10 -0.98 -5.70 -0.63
CA PHE B 10 0.43 -5.78 -0.97
C PHE B 10 0.67 -5.71 -2.47
N GLN B 11 1.86 -5.27 -2.83
CA GLN B 11 2.32 -5.32 -4.20
C GLN B 11 2.64 -6.78 -4.53
N LEU B 12 1.88 -7.35 -5.47
CA LEU B 12 1.98 -8.78 -5.79
C LEU B 12 3.07 -9.03 -6.83
N ILE B 13 2.98 -8.36 -7.97
CA ILE B 13 4.07 -8.38 -8.96
C ILE B 13 3.97 -7.12 -9.81
N ASP B 14 5.07 -6.39 -9.90
CA ASP B 14 5.16 -5.22 -10.74
C ASP B 14 3.98 -4.26 -10.41
N ASN B 15 3.15 -3.94 -11.40
CA ASN B 15 2.05 -3.00 -11.22
C ASN B 15 0.72 -3.64 -10.79
N ILE B 16 0.77 -4.89 -10.31
CA ILE B 16 -0.42 -5.58 -9.82
C ILE B 16 -0.35 -5.67 -8.30
N TYR B 17 -1.40 -5.19 -7.66
CA TYR B 17 -1.51 -5.11 -6.22
C TYR B 17 -2.76 -5.84 -5.74
N TYR B 18 -2.60 -6.62 -4.68
CA TYR B 18 -3.71 -7.32 -4.01
C TYR B 18 -4.36 -6.40 -3.01
N VAL B 19 -5.68 -6.19 -3.14
CA VAL B 19 -6.46 -5.34 -2.22
C VAL B 19 -7.75 -6.04 -1.76
N GLY B 20 -7.79 -7.37 -1.90
CA GLY B 20 -8.96 -8.15 -1.49
C GLY B 20 -9.01 -8.50 -0.02
N THR B 21 -9.87 -9.46 0.27
CA THR B 21 -10.09 -9.95 1.64
C THR B 21 -9.30 -11.26 1.78
N ASP B 22 -9.44 -11.91 2.95
CA ASP B 22 -8.81 -13.21 3.13
C ASP B 22 -9.42 -14.32 2.23
N GLY B 23 -10.64 -14.08 1.74
CA GLY B 23 -11.38 -15.06 0.94
C GLY B 23 -11.79 -14.66 -0.47
N ILE B 24 -11.68 -13.38 -0.83
CA ILE B 24 -12.08 -12.85 -2.15
C ILE B 24 -10.93 -11.98 -2.63
N ALA B 25 -10.42 -12.28 -3.81
CA ALA B 25 -9.29 -11.55 -4.40
C ALA B 25 -9.76 -10.38 -5.24
N VAL B 26 -9.17 -9.22 -4.99
CA VAL B 26 -9.45 -7.98 -5.71
C VAL B 26 -8.09 -7.37 -6.00
N TYR B 27 -7.94 -6.73 -7.16
CA TYR B 27 -6.63 -6.19 -7.53
C TYR B 27 -6.72 -4.78 -8.05
N VAL B 28 -5.67 -4.01 -7.77
CA VAL B 28 -5.43 -2.74 -8.44
C VAL B 28 -4.30 -2.96 -9.42
N ILE B 29 -4.51 -2.48 -10.64
CA ILE B 29 -3.46 -2.47 -11.66
C ILE B 29 -3.13 -1.01 -11.91
N LYS B 30 -1.91 -0.63 -11.57
CA LYS B 30 -1.47 0.75 -11.72
C LYS B 30 -0.99 0.99 -13.16
N THR B 31 -1.56 2.01 -13.80
CA THR B 31 -1.15 2.43 -15.13
C THR B 31 -0.65 3.87 -15.08
N SER B 32 0.01 4.26 -16.16
CA SER B 32 0.45 5.65 -16.31
C SER B 32 -0.68 6.68 -16.46
N GLN B 33 -1.91 6.23 -16.70
CA GLN B 33 -3.07 7.12 -16.85
C GLN B 33 -4.22 6.78 -15.88
N GLY B 34 -3.87 6.22 -14.74
CA GLY B 34 -4.84 5.94 -13.67
C GLY B 34 -4.90 4.46 -13.34
N LEU B 35 -5.91 4.10 -12.59
CA LEU B 35 -6.00 2.74 -12.05
C LEU B 35 -7.05 1.90 -12.74
N ILE B 36 -6.74 0.62 -12.89
CA ILE B 36 -7.72 -0.39 -13.25
C ILE B 36 -8.03 -1.21 -11.99
N LEU B 37 -9.32 -1.34 -11.69
CA LEU B 37 -9.77 -2.19 -10.58
C LEU B 37 -10.27 -3.49 -11.16
N MET B 38 -9.67 -4.60 -10.71
CA MET B 38 -10.08 -5.93 -11.11
C MET B 38 -10.96 -6.51 -10.00
N ASP B 39 -12.26 -6.53 -10.30
CA ASP B 39 -13.33 -7.05 -9.42
C ASP B 39 -13.54 -6.21 -8.16
N THR B 40 -14.56 -6.61 -7.41
CA THR B 40 -14.81 -6.12 -6.05
C THR B 40 -15.10 -7.32 -5.16
N ALA B 41 -15.76 -7.12 -4.01
CA ALA B 41 -16.05 -8.21 -3.11
C ALA B 41 -17.56 -8.23 -2.81
N MET B 42 -17.95 -8.81 -1.68
CA MET B 42 -19.37 -8.85 -1.30
C MET B 42 -19.94 -7.45 -1.18
N PRO B 43 -21.25 -7.29 -1.40
CA PRO B 43 -21.84 -5.96 -1.33
C PRO B 43 -21.54 -5.20 -0.04
N GLN B 44 -21.43 -5.92 1.07
CA GLN B 44 -21.18 -5.32 2.39
C GLN B 44 -19.70 -5.00 2.67
N SER B 45 -18.82 -5.36 1.73
CA SER B 45 -17.38 -5.22 1.96
C SER B 45 -16.75 -4.09 1.15
N THR B 46 -17.55 -3.28 0.47
CA THR B 46 -17.01 -2.27 -0.45
C THR B 46 -16.13 -1.25 0.30
N GLY B 47 -16.57 -0.85 1.50
CA GLY B 47 -15.78 0.08 2.30
C GLY B 47 -14.39 -0.45 2.61
N MET B 48 -14.31 -1.74 2.95
CA MET B 48 -13.05 -2.40 3.24
C MET B 48 -12.11 -2.44 2.02
N ILE B 49 -12.68 -2.74 0.85
CA ILE B 49 -11.90 -2.73 -0.39
C ILE B 49 -11.31 -1.33 -0.63
N LYS B 50 -12.15 -0.31 -0.46
CA LYS B 50 -11.68 1.06 -0.62
C LYS B 50 -10.56 1.41 0.35
N ASP B 51 -10.69 0.96 1.60
CA ASP B 51 -9.67 1.15 2.61
C ASP B 51 -8.37 0.45 2.22
N ASN B 52 -8.48 -0.76 1.69
CA ASN B 52 -7.28 -1.50 1.24
C ASN B 52 -6.53 -0.77 0.12
N ILE B 53 -7.29 -0.22 -0.81
CA ILE B 53 -6.71 0.59 -1.92
C ILE B 53 -5.90 1.76 -1.31
N ALA B 54 -6.50 2.41 -0.31
CA ALA B 54 -5.85 3.56 0.37
C ALA B 54 -4.61 3.17 1.16
N LYS B 55 -4.60 1.99 1.78
CA LYS B 55 -3.41 1.52 2.52
C LYS B 55 -2.14 1.44 1.67
N LEU B 56 -2.31 1.28 0.37
CA LEU B 56 -1.18 1.29 -0.59
C LEU B 56 -0.81 2.68 -1.08
N GLY B 57 -1.63 3.67 -0.73
CA GLY B 57 -1.45 5.03 -1.22
C GLY B 57 -2.10 5.32 -2.55
N PHE B 58 -2.92 4.38 -3.03
CA PHE B 58 -3.71 4.61 -4.25
C PHE B 58 -4.97 5.37 -3.88
N LYS B 59 -5.45 6.17 -4.82
CA LYS B 59 -6.68 6.92 -4.67
C LYS B 59 -7.82 6.25 -5.42
N VAL B 60 -8.89 5.99 -4.68
CA VAL B 60 -10.10 5.42 -5.29
C VAL B 60 -10.55 6.29 -6.45
N ALA B 61 -10.43 7.62 -6.29
CA ALA B 61 -10.82 8.57 -7.35
C ALA B 61 -10.07 8.40 -8.67
N ASP B 62 -8.89 7.77 -8.62
CA ASP B 62 -8.09 7.51 -9.81
C ASP B 62 -8.46 6.25 -10.60
N ILE B 63 -9.47 5.52 -10.13
CA ILE B 63 -9.96 4.35 -10.87
C ILE B 63 -10.70 4.81 -12.11
N LYS B 64 -10.21 4.40 -13.27
CA LYS B 64 -10.76 4.77 -14.58
C LYS B 64 -11.57 3.64 -15.21
N LEU B 65 -11.15 2.41 -14.95
CA LEU B 65 -11.78 1.22 -15.49
C LEU B 65 -11.98 0.22 -14.38
N ILE B 66 -13.14 -0.43 -14.40
CA ILE B 66 -13.41 -1.57 -13.55
C ILE B 66 -13.59 -2.75 -14.49
N LEU B 67 -12.83 -3.81 -14.27
CA LEU B 67 -12.94 -5.03 -15.08
C LEU B 67 -13.52 -6.13 -14.19
N ASN B 68 -14.31 -7.02 -14.81
CA ASN B 68 -14.89 -8.17 -14.08
C ASN B 68 -14.36 -9.46 -14.66
N THR B 69 -14.06 -10.42 -13.79
CA THR B 69 -13.82 -11.79 -14.19
C THR B 69 -15.15 -12.50 -14.45
N HIS B 70 -16.07 -12.47 -13.49
CA HIS B 70 -17.38 -13.10 -13.68
C HIS B 70 -18.41 -12.51 -12.75
N ALA B 71 -19.66 -12.58 -13.18
CA ALA B 71 -20.72 -11.77 -12.58
C ALA B 71 -21.50 -12.53 -11.48
N HIS B 72 -20.80 -12.83 -10.41
CA HIS B 72 -21.42 -13.30 -9.14
C HIS B 72 -21.21 -12.26 -8.06
N LEU B 73 -22.17 -12.20 -7.13
CA LEU B 73 -22.21 -11.14 -6.11
C LEU B 73 -20.96 -10.96 -5.27
N ASP B 74 -20.21 -12.05 -5.08
CA ASP B 74 -18.99 -11.98 -4.29
C ASP B 74 -17.86 -11.27 -5.04
N HIS B 75 -18.04 -11.02 -6.34
CA HIS B 75 -17.07 -10.25 -7.15
C HIS B 75 -17.61 -8.96 -7.68
N THR B 76 -18.93 -8.82 -7.71
CA THR B 76 -19.59 -7.65 -8.29
C THR B 76 -20.23 -6.71 -7.26
N GLY B 77 -20.13 -7.08 -5.99
CA GLY B 77 -20.93 -6.43 -4.95
C GLY B 77 -20.67 -4.96 -4.77
N GLY B 78 -19.45 -4.52 -5.11
CA GLY B 78 -19.07 -3.13 -5.05
C GLY B 78 -19.10 -2.33 -6.33
N PHE B 79 -19.51 -2.97 -7.42
CA PHE B 79 -19.44 -2.30 -8.73
C PHE B 79 -20.30 -1.04 -8.82
N ALA B 80 -21.58 -1.14 -8.48
CA ALA B 80 -22.47 0.03 -8.62
C ALA B 80 -21.93 1.22 -7.80
N GLU B 81 -21.51 0.95 -6.58
CA GLU B 81 -20.99 1.98 -5.69
C GLU B 81 -19.71 2.61 -6.20
N ILE B 82 -18.72 1.77 -6.51
CA ILE B 82 -17.45 2.31 -6.99
C ILE B 82 -17.63 3.04 -8.31
N LYS B 83 -18.42 2.46 -9.21
CA LYS B 83 -18.66 3.11 -10.49
C LYS B 83 -19.24 4.51 -10.33
N LYS B 84 -20.22 4.66 -9.44
CA LYS B 84 -20.89 5.95 -9.25
C LYS B 84 -19.94 6.97 -8.62
N GLU B 85 -19.21 6.51 -7.61
CA GLU B 85 -18.27 7.36 -6.86
C GLU B 85 -17.12 7.88 -7.75
N THR B 86 -16.67 7.05 -8.68
CA THR B 86 -15.47 7.35 -9.49
C THR B 86 -15.74 7.83 -10.90
N GLY B 87 -16.91 7.49 -11.45
CA GLY B 87 -17.18 7.70 -12.86
C GLY B 87 -16.44 6.76 -13.81
N ALA B 88 -15.88 5.67 -13.27
CA ALA B 88 -15.20 4.67 -14.09
C ALA B 88 -16.15 3.96 -15.04
N GLN B 89 -15.56 3.37 -16.06
CA GLN B 89 -16.29 2.50 -16.98
C GLN B 89 -16.14 1.05 -16.55
N LEU B 90 -17.24 0.28 -16.68
CA LEU B 90 -17.24 -1.16 -16.41
C LEU B 90 -17.08 -1.96 -17.68
N VAL B 91 -16.12 -2.89 -17.64
CA VAL B 91 -15.78 -3.74 -18.76
C VAL B 91 -15.97 -5.20 -18.35
N ALA B 92 -16.73 -5.95 -19.15
CA ALA B 92 -17.04 -7.34 -18.79
C ALA B 92 -17.38 -8.16 -20.02
N GLY B 93 -17.24 -9.47 -19.89
CA GLY B 93 -17.65 -10.38 -20.95
C GLY B 93 -19.10 -10.19 -21.39
N GLU B 94 -19.31 -10.16 -22.71
CA GLU B 94 -20.64 -9.85 -23.26
C GLU B 94 -21.77 -10.70 -22.68
N ARG B 95 -21.56 -12.00 -22.48
CA ARG B 95 -22.64 -12.88 -22.05
C ARG B 95 -22.96 -12.74 -20.55
N ASP B 96 -22.09 -12.05 -19.79
CA ASP B 96 -22.41 -11.70 -18.40
C ASP B 96 -23.10 -10.34 -18.29
N LYS B 97 -23.21 -9.58 -19.39
CA LYS B 97 -23.87 -8.29 -19.34
C LYS B 97 -25.30 -8.36 -18.74
N PRO B 98 -26.13 -9.35 -19.15
CA PRO B 98 -27.47 -9.40 -18.54
C PRO B 98 -27.47 -9.62 -17.02
N LEU B 99 -26.50 -10.41 -16.56
CA LEU B 99 -26.37 -10.70 -15.11
C LEU B 99 -25.99 -9.44 -14.34
N LEU B 100 -25.01 -8.72 -14.87
CA LEU B 100 -24.52 -7.48 -14.25
C LEU B 100 -25.61 -6.43 -14.23
N GLU B 101 -26.28 -6.28 -15.36
CA GLU B 101 -27.32 -5.26 -15.50
C GLU B 101 -28.61 -5.58 -14.74
N GLY B 102 -28.84 -6.85 -14.45
CA GLY B 102 -30.01 -7.27 -13.66
C GLY B 102 -29.73 -7.53 -12.20
N GLY B 103 -28.47 -7.74 -11.85
CA GLY B 103 -28.09 -8.01 -10.48
C GLY B 103 -28.60 -9.33 -9.93
N TYR B 104 -28.58 -10.38 -10.76
CA TYR B 104 -29.18 -11.67 -10.39
C TYR B 104 -28.22 -12.81 -10.67
N TYR B 105 -28.49 -13.94 -10.04
CA TYR B 105 -27.78 -15.19 -10.29
C TYR B 105 -28.46 -15.97 -11.42
N PRO B 106 -27.72 -16.34 -12.48
CA PRO B 106 -28.36 -16.99 -13.62
C PRO B 106 -29.01 -18.31 -13.24
N GLY B 107 -30.22 -18.55 -13.74
CA GLY B 107 -30.96 -19.77 -13.42
C GLY B 107 -31.50 -19.84 -12.00
N ASP B 108 -31.33 -18.76 -11.23
CA ASP B 108 -31.87 -18.64 -9.88
C ASP B 108 -32.17 -17.17 -9.60
N GLU B 109 -32.95 -16.59 -10.50
CA GLU B 109 -33.12 -15.14 -10.61
C GLU B 109 -33.97 -14.51 -9.52
N LYS B 110 -34.78 -15.33 -8.85
CA LYS B 110 -35.61 -14.90 -7.71
C LYS B 110 -34.86 -14.91 -6.37
N ASN B 111 -33.65 -15.43 -6.35
CA ASN B 111 -32.91 -15.65 -5.11
C ASN B 111 -32.23 -14.36 -4.67
N GLU B 112 -32.85 -13.66 -3.72
CA GLU B 112 -32.37 -12.35 -3.26
C GLU B 112 -31.04 -12.46 -2.54
N ASP B 113 -30.72 -13.63 -1.96
CA ASP B 113 -29.46 -13.73 -1.25
CA ASP B 113 -29.45 -13.91 -1.26
C ASP B 113 -28.25 -13.81 -2.20
N LEU B 114 -28.51 -14.02 -3.49
CA LEU B 114 -27.45 -14.01 -4.52
C LEU B 114 -27.50 -12.77 -5.40
N ALA B 115 -28.41 -11.86 -5.08
CA ALA B 115 -28.54 -10.61 -5.82
C ALA B 115 -27.44 -9.62 -5.44
N PHE B 116 -27.24 -8.65 -6.31
CA PHE B 116 -26.31 -7.56 -6.05
C PHE B 116 -26.80 -6.28 -6.71
N PRO B 117 -26.23 -5.13 -6.32
CA PRO B 117 -26.70 -3.89 -6.95
C PRO B 117 -26.37 -3.85 -8.44
N ALA B 118 -27.41 -3.64 -9.24
CA ALA B 118 -27.28 -3.71 -10.68
C ALA B 118 -26.37 -2.59 -11.19
N VAL B 119 -25.64 -2.93 -12.24
CA VAL B 119 -24.66 -2.02 -12.80
C VAL B 119 -24.62 -2.16 -14.31
N LYS B 120 -24.51 -1.02 -14.99
CA LYS B 120 -24.41 -1.01 -16.45
C LYS B 120 -23.01 -1.33 -16.94
N VAL B 121 -22.96 -2.12 -18.01
CA VAL B 121 -21.70 -2.48 -18.65
C VAL B 121 -21.44 -1.46 -19.75
N ASP B 122 -20.31 -0.78 -19.64
CA ASP B 122 -19.93 0.22 -20.64
C ASP B 122 -19.26 -0.40 -21.87
N ARG B 123 -18.49 -1.46 -21.68
CA ARG B 123 -17.85 -2.16 -22.77
C ARG B 123 -17.99 -3.66 -22.57
N ALA B 124 -18.69 -4.30 -23.50
CA ALA B 124 -18.87 -5.73 -23.50
C ALA B 124 -17.81 -6.34 -24.40
N VAL B 125 -17.00 -7.21 -23.83
CA VAL B 125 -15.85 -7.78 -24.53
C VAL B 125 -16.08 -9.21 -25.02
N LYS B 126 -15.31 -9.54 -26.03
CA LYS B 126 -15.22 -10.87 -26.61
C LYS B 126 -13.76 -11.32 -26.66
N GLU B 127 -13.56 -12.61 -26.92
CA GLU B 127 -12.24 -13.23 -27.06
C GLU B 127 -11.30 -12.35 -27.87
N GLY B 128 -10.14 -12.07 -27.29
CA GLY B 128 -9.08 -11.30 -27.94
C GLY B 128 -9.18 -9.79 -27.86
N ASP B 129 -10.27 -9.24 -27.33
CA ASP B 129 -10.38 -7.79 -27.21
C ASP B 129 -9.29 -7.26 -26.27
N ARG B 130 -8.78 -6.09 -26.62
CA ARG B 130 -7.68 -5.43 -25.90
C ARG B 130 -8.24 -4.21 -25.19
N VAL B 131 -7.98 -4.14 -23.89
CA VAL B 131 -8.42 -3.03 -23.04
C VAL B 131 -7.16 -2.30 -22.59
N THR B 132 -7.04 -1.04 -23.02
CA THR B 132 -5.84 -0.23 -22.78
C THR B 132 -6.15 0.96 -21.92
N LEU B 133 -5.31 1.18 -20.91
CA LEU B 133 -5.30 2.41 -20.14
C LEU B 133 -3.85 2.84 -20.01
N GLY B 134 -3.56 3.99 -20.60
CA GLY B 134 -2.19 4.50 -20.67
C GLY B 134 -1.22 3.48 -21.24
N ASP B 135 -0.23 3.11 -20.42
CA ASP B 135 0.84 2.16 -20.77
C ASP B 135 0.52 0.68 -20.62
N THR B 136 -0.72 0.36 -20.23
CA THR B 136 -1.08 -0.99 -19.82
C THR B 136 -2.23 -1.54 -20.66
N THR B 137 -2.05 -2.74 -21.19
CA THR B 137 -3.10 -3.42 -21.97
C THR B 137 -3.39 -4.82 -21.41
N LEU B 138 -4.67 -5.09 -21.17
CA LEU B 138 -5.15 -6.41 -20.84
C LEU B 138 -5.89 -6.99 -22.03
N THR B 139 -5.72 -8.29 -22.21
CA THR B 139 -6.42 -9.01 -23.27
C THR B 139 -7.47 -9.94 -22.67
N ALA B 140 -8.69 -9.80 -23.19
CA ALA B 140 -9.82 -10.65 -22.76
C ALA B 140 -9.74 -12.04 -23.37
N HIS B 141 -9.94 -13.06 -22.55
CA HIS B 141 -10.12 -14.41 -23.04
C HIS B 141 -11.45 -14.96 -22.57
N ALA B 142 -12.24 -15.47 -23.51
CA ALA B 142 -13.54 -16.05 -23.21
C ALA B 142 -13.34 -17.44 -22.62
N THR B 143 -13.62 -17.57 -21.32
CA THR B 143 -13.46 -18.82 -20.60
C THR B 143 -14.75 -19.13 -19.84
N PRO B 144 -15.86 -19.30 -20.58
CA PRO B 144 -17.15 -19.50 -19.94
C PRO B 144 -17.30 -20.85 -19.25
N GLY B 145 -18.36 -20.95 -18.44
CA GLY B 145 -18.69 -22.14 -17.69
C GLY B 145 -19.17 -21.74 -16.31
N HIS B 146 -18.23 -21.22 -15.53
CA HIS B 146 -18.57 -20.76 -14.19
C HIS B 146 -19.64 -19.67 -14.26
N SER B 147 -19.55 -18.83 -15.30
CA SER B 147 -20.63 -17.92 -15.68
C SER B 147 -20.64 -17.90 -17.21
N PRO B 148 -21.76 -17.49 -17.83
CA PRO B 148 -21.78 -17.54 -19.30
C PRO B 148 -20.81 -16.58 -19.97
N GLY B 149 -20.46 -15.49 -19.29
CA GLY B 149 -19.53 -14.47 -19.79
C GLY B 149 -18.19 -14.40 -19.08
N CYS B 150 -17.85 -15.46 -18.36
CA CYS B 150 -16.63 -15.52 -17.54
C CYS B 150 -15.41 -15.18 -18.43
N THR B 151 -14.67 -14.15 -18.05
CA THR B 151 -13.56 -13.60 -18.84
C THR B 151 -12.27 -13.64 -18.05
N SER B 152 -11.28 -14.38 -18.57
CA SER B 152 -9.96 -14.40 -18.01
C SER B 152 -9.12 -13.33 -18.68
N TRP B 153 -8.37 -12.59 -17.88
CA TRP B 153 -7.68 -11.39 -18.36
C TRP B 153 -6.17 -11.60 -18.35
N GLU B 154 -5.56 -11.38 -19.52
CA GLU B 154 -4.12 -11.55 -19.75
CA GLU B 154 -4.11 -11.56 -19.67
C GLU B 154 -3.40 -10.21 -19.74
N MET B 155 -2.26 -10.14 -19.05
CA MET B 155 -1.37 -9.00 -19.23
CA MET B 155 -1.37 -8.98 -19.12
C MET B 155 0.08 -9.38 -18.94
N THR B 156 0.97 -8.50 -19.40
CA THR B 156 2.43 -8.67 -19.31
C THR B 156 2.92 -7.77 -18.20
N VAL B 157 3.75 -8.35 -17.35
CA VAL B 157 4.48 -7.60 -16.32
C VAL B 157 5.99 -7.82 -16.47
N LYS B 158 6.76 -6.99 -15.78
CA LYS B 158 8.20 -7.16 -15.70
C LYS B 158 8.57 -7.93 -14.44
N ASP B 159 9.52 -8.83 -14.61
CA ASP B 159 10.26 -9.43 -13.51
C ASP B 159 11.73 -9.12 -13.81
N GLY B 160 12.25 -8.09 -13.16
CA GLY B 160 13.54 -7.51 -13.55
C GLY B 160 13.45 -7.03 -15.00
N LYS B 161 14.36 -7.53 -15.84
CA LYS B 161 14.45 -7.13 -17.26
C LYS B 161 13.48 -7.88 -18.16
N GLU B 162 12.96 -8.99 -17.65
CA GLU B 162 12.16 -9.94 -18.43
C GLU B 162 10.65 -9.78 -18.33
N ASP B 163 9.98 -10.12 -19.43
CA ASP B 163 8.52 -10.16 -19.50
C ASP B 163 8.00 -11.41 -18.78
N ARG B 164 6.89 -11.26 -18.05
CA ARG B 164 6.13 -12.40 -17.53
C ARG B 164 4.64 -12.21 -17.81
N GLU B 165 3.99 -13.29 -18.23
CA GLU B 165 2.58 -13.24 -18.63
C GLU B 165 1.68 -13.67 -17.47
N VAL B 166 0.73 -12.81 -17.14
CA VAL B 166 -0.20 -12.98 -16.01
C VAL B 166 -1.57 -13.32 -16.56
N LEU B 167 -2.24 -14.29 -15.95
CA LEU B 167 -3.69 -14.49 -16.21
C LEU B 167 -4.50 -14.34 -14.94
N PHE B 168 -5.42 -13.38 -14.97
CA PHE B 168 -6.50 -13.30 -13.98
C PHE B 168 -7.55 -14.31 -14.45
N PHE B 169 -7.39 -15.56 -14.02
CA PHE B 169 -8.28 -16.65 -14.43
C PHE B 169 -9.66 -16.39 -13.83
N CYS B 170 -10.73 -16.59 -14.58
CA CYS B 170 -12.03 -16.09 -14.15
C CYS B 170 -12.78 -16.93 -13.13
N SER B 171 -12.31 -18.17 -12.94
CA SER B 171 -12.90 -19.24 -12.10
CA SER B 171 -12.91 -19.25 -12.12
C SER B 171 -13.45 -20.35 -13.02
N GLY B 172 -13.23 -21.59 -12.59
CA GLY B 172 -13.75 -22.77 -13.29
C GLY B 172 -14.38 -23.83 -12.41
N THR B 173 -14.78 -23.43 -11.21
CA THR B 173 -15.46 -24.32 -10.28
C THR B 173 -16.91 -24.50 -10.70
N VAL B 174 -17.48 -25.64 -10.33
CA VAL B 174 -18.92 -25.87 -10.52
C VAL B 174 -19.75 -25.04 -9.54
N ALA B 175 -19.33 -25.06 -8.28
CA ALA B 175 -19.92 -24.25 -7.21
C ALA B 175 -21.44 -24.43 -7.20
N LEU B 176 -22.24 -23.36 -7.30
CA LEU B 176 -23.69 -23.46 -7.22
C LEU B 176 -24.38 -23.80 -8.54
N ASN B 177 -23.62 -23.93 -9.61
CA ASN B 177 -24.22 -24.13 -10.93
C ASN B 177 -24.87 -25.50 -11.09
N ARG B 178 -25.98 -25.49 -11.81
CA ARG B 178 -26.65 -26.73 -12.25
C ARG B 178 -26.14 -27.05 -13.65
N LEU B 179 -25.64 -28.28 -13.83
CA LEU B 179 -25.06 -28.71 -15.09
C LEU B 179 -26.05 -29.46 -15.99
N VAL B 180 -27.04 -30.09 -15.37
CA VAL B 180 -27.98 -30.97 -16.06
C VAL B 180 -29.33 -30.79 -15.37
N GLY B 181 -30.36 -31.30 -16.01
CA GLY B 181 -31.75 -31.19 -15.56
C GLY B 181 -32.32 -29.91 -16.10
N GLN B 182 -32.17 -28.85 -15.30
CA GLN B 182 -32.47 -27.46 -15.70
C GLN B 182 -31.12 -26.72 -15.62
N PRO B 183 -30.28 -26.84 -16.66
CA PRO B 183 -28.95 -26.22 -16.55
C PRO B 183 -29.01 -24.72 -16.27
N THR B 184 -28.05 -24.22 -15.50
CA THR B 184 -27.97 -22.81 -15.13
C THR B 184 -28.05 -21.88 -16.34
N TYR B 185 -27.41 -22.30 -17.43
CA TYR B 185 -27.62 -21.67 -18.73
C TYR B 185 -27.34 -22.70 -19.81
N ALA B 186 -27.85 -22.42 -21.01
CA ALA B 186 -27.74 -23.35 -22.13
C ALA B 186 -26.29 -23.48 -22.60
N GLY B 187 -25.81 -24.71 -22.68
CA GLY B 187 -24.46 -25.00 -23.19
C GLY B 187 -23.38 -24.94 -22.13
N ILE B 188 -23.79 -24.87 -20.85
CA ILE B 188 -22.85 -24.75 -19.74
C ILE B 188 -21.80 -25.87 -19.71
N VAL B 189 -22.20 -27.11 -19.94
CA VAL B 189 -21.26 -28.23 -19.88
C VAL B 189 -20.17 -28.11 -20.95
N ASP B 190 -20.57 -27.84 -22.18
CA ASP B 190 -19.59 -27.66 -23.25
C ASP B 190 -18.65 -26.50 -22.96
N ASP B 191 -19.19 -25.41 -22.39
CA ASP B 191 -18.35 -24.27 -22.04
C ASP B 191 -17.26 -24.65 -21.03
N TYR B 192 -17.65 -25.33 -19.95
CA TYR B 192 -16.64 -25.79 -18.97
C TYR B 192 -15.54 -26.64 -19.63
N ARG B 193 -15.95 -27.62 -20.44
CA ARG B 193 -15.00 -28.50 -21.16
C ARG B 193 -14.03 -27.71 -21.99
N ALA B 194 -14.55 -26.79 -22.78
CA ALA B 194 -13.75 -25.95 -23.65
C ALA B 194 -12.78 -25.09 -22.84
N THR B 195 -13.26 -24.59 -21.69
CA THR B 195 -12.47 -23.73 -20.83
C THR B 195 -11.30 -24.48 -20.19
N PHE B 196 -11.52 -25.69 -19.70
CA PHE B 196 -10.42 -26.43 -19.09
C PHE B 196 -9.32 -26.68 -20.13
N ALA B 197 -9.73 -27.09 -21.33
CA ALA B 197 -8.79 -27.32 -22.42
C ALA B 197 -8.03 -26.06 -22.84
N LYS B 198 -8.77 -24.96 -22.99
CA LYS B 198 -8.20 -23.68 -23.37
C LYS B 198 -7.16 -23.24 -22.34
N ALA B 199 -7.52 -23.34 -21.07
CA ALA B 199 -6.62 -22.95 -19.97
C ALA B 199 -5.30 -23.73 -20.00
N LYS B 200 -5.39 -25.03 -20.24
CA LYS B 200 -4.19 -25.87 -20.31
C LYS B 200 -3.25 -25.52 -21.48
N ALA B 201 -3.77 -24.89 -22.52
CA ALA B 201 -2.99 -24.51 -23.71
C ALA B 201 -2.33 -23.14 -23.65
N MET B 202 -2.67 -22.34 -22.65
CA MET B 202 -2.14 -20.98 -22.53
CA MET B 202 -2.11 -21.00 -22.51
C MET B 202 -0.74 -21.02 -21.87
N LYS B 203 0.10 -20.10 -22.31
CA LYS B 203 1.44 -19.90 -21.79
C LYS B 203 1.37 -18.78 -20.75
N ILE B 204 1.24 -19.18 -19.50
CA ILE B 204 1.02 -18.23 -18.38
C ILE B 204 2.04 -18.47 -17.27
N ASP B 205 2.77 -17.41 -16.94
CA ASP B 205 3.78 -17.43 -15.88
C ASP B 205 3.18 -17.29 -14.46
N VAL B 206 2.16 -16.44 -14.35
CA VAL B 206 1.58 -16.06 -13.04
C VAL B 206 0.06 -16.29 -13.09
N LEU B 207 -0.39 -17.28 -12.35
CA LEU B 207 -1.83 -17.56 -12.23
C LEU B 207 -2.39 -16.71 -11.08
N LEU B 208 -3.43 -15.92 -11.41
CA LEU B 208 -4.23 -15.22 -10.41
C LEU B 208 -5.68 -15.64 -10.62
N GLY B 209 -6.57 -15.21 -9.73
CA GLY B 209 -7.99 -15.53 -9.84
C GLY B 209 -8.79 -14.74 -8.83
N PRO B 210 -10.12 -14.87 -8.88
CA PRO B 210 -10.98 -14.05 -8.05
C PRO B 210 -11.16 -14.54 -6.61
N HIS B 211 -10.61 -15.69 -6.30
CA HIS B 211 -10.47 -16.16 -4.92
C HIS B 211 -9.02 -16.53 -4.69
N PRO B 212 -8.47 -16.25 -3.49
CA PRO B 212 -7.06 -16.55 -3.25
C PRO B 212 -6.75 -18.05 -3.33
N GLU B 213 -7.76 -18.91 -3.13
CA GLU B 213 -7.59 -20.38 -3.25
C GLU B 213 -7.24 -20.85 -4.67
N VAL B 214 -7.56 -20.05 -5.67
CA VAL B 214 -7.26 -20.37 -7.07
C VAL B 214 -5.77 -20.62 -7.26
N TYR B 215 -4.97 -19.84 -6.53
CA TYR B 215 -3.51 -19.83 -6.72
C TYR B 215 -2.72 -19.89 -5.40
N GLY B 216 -3.37 -20.30 -4.33
CA GLY B 216 -2.72 -20.41 -3.01
C GLY B 216 -2.01 -19.13 -2.59
N MET B 217 -2.75 -18.04 -2.66
CA MET B 217 -2.21 -16.69 -2.40
C MET B 217 -1.44 -16.57 -1.10
N GLN B 218 -2.05 -17.01 -0.01
CA GLN B 218 -1.51 -16.79 1.32
C GLN B 218 -0.15 -17.45 1.51
N ALA B 219 -0.02 -18.67 1.02
CA ALA B 219 1.26 -19.41 1.12
C ALA B 219 2.38 -18.69 0.38
N LYS B 220 2.05 -18.18 -0.80
CA LYS B 220 3.00 -17.40 -1.59
C LYS B 220 3.38 -16.06 -0.93
N ARG B 221 2.38 -15.33 -0.46
CA ARG B 221 2.60 -14.05 0.23
C ARG B 221 3.55 -14.25 1.41
N ALA B 222 3.36 -15.35 2.15
CA ALA B 222 4.19 -15.63 3.34
C ALA B 222 5.66 -15.86 3.02
N GLU B 223 5.94 -16.29 1.79
CA GLU B 223 7.31 -16.51 1.28
C GLU B 223 7.99 -15.30 0.62
N MET B 224 7.28 -14.18 0.53
CA MET B 224 7.84 -12.97 -0.10
C MET B 224 8.94 -12.37 0.74
N LYS B 225 10.07 -12.17 0.08
CA LYS B 225 11.22 -11.54 0.70
C LYS B 225 11.95 -10.74 -0.35
N ASP B 226 12.35 -9.51 0.02
CA ASP B 226 13.15 -8.67 -0.88
C ASP B 226 14.42 -9.43 -1.26
N GLY B 227 14.67 -9.48 -2.56
CA GLY B 227 15.86 -10.18 -3.10
C GLY B 227 15.70 -11.66 -3.42
N ALA B 228 14.55 -12.24 -3.07
CA ALA B 228 14.23 -13.64 -3.42
C ALA B 228 13.26 -13.69 -4.61
N PRO B 229 13.25 -14.81 -5.36
CA PRO B 229 12.36 -14.89 -6.53
C PRO B 229 10.89 -14.63 -6.15
N ASN B 230 10.15 -13.97 -7.03
CA ASN B 230 8.72 -13.69 -6.78
C ASN B 230 7.97 -15.02 -6.75
N PRO B 231 7.40 -15.40 -5.59
CA PRO B 231 6.76 -16.71 -5.47
C PRO B 231 5.46 -16.86 -6.25
N PHE B 232 4.92 -15.77 -6.75
CA PHE B 232 3.76 -15.83 -7.65
C PHE B 232 4.08 -16.29 -9.08
N ILE B 233 5.36 -16.38 -9.44
CA ILE B 233 5.77 -16.91 -10.74
C ILE B 233 5.87 -18.44 -10.62
N LYS B 234 4.87 -19.16 -11.13
CA LYS B 234 4.82 -20.63 -11.16
C LYS B 234 4.18 -21.00 -12.52
N PRO B 235 4.97 -21.10 -13.61
CA PRO B 235 4.39 -21.23 -14.96
C PRO B 235 3.58 -22.51 -15.30
N GLY B 236 3.72 -23.55 -14.50
CA GLY B 236 2.95 -24.79 -14.71
C GLY B 236 1.59 -24.84 -14.01
N GLU B 237 1.31 -23.83 -13.19
CA GLU B 237 0.22 -23.89 -12.24
C GLU B 237 -1.17 -23.92 -12.89
N LEU B 238 -1.35 -23.17 -13.96
CA LEU B 238 -2.66 -23.15 -14.63
C LEU B 238 -3.04 -24.53 -15.20
N VAL B 239 -2.07 -25.24 -15.79
CA VAL B 239 -2.30 -26.64 -16.23
C VAL B 239 -2.71 -27.50 -15.07
N THR B 240 -1.97 -27.41 -13.97
CA THR B 240 -2.24 -28.25 -12.80
C THR B 240 -3.63 -27.94 -12.22
N TYR B 241 -3.90 -26.65 -12.09
CA TYR B 241 -5.18 -26.18 -11.54
C TYR B 241 -6.37 -26.56 -12.45
N ALA B 242 -6.23 -26.35 -13.75
CA ALA B 242 -7.30 -26.72 -14.70
C ALA B 242 -7.57 -28.23 -14.68
N THR B 243 -6.52 -29.00 -14.51
CA THR B 243 -6.63 -30.46 -14.39
C THR B 243 -7.46 -30.84 -13.17
N SER B 244 -7.14 -30.21 -12.04
CA SER B 244 -7.92 -30.45 -10.80
C SER B 244 -9.39 -30.05 -10.97
N LEU B 245 -9.61 -28.93 -11.63
CA LEU B 245 -10.97 -28.45 -11.89
C LEU B 245 -11.76 -29.41 -12.79
N SER B 246 -11.08 -29.92 -13.82
CA SER B 246 -11.70 -30.84 -14.77
C SER B 246 -12.11 -32.15 -14.08
N GLU B 247 -11.23 -32.62 -13.20
CA GLU B 247 -11.48 -33.84 -12.44
C GLU B 247 -12.66 -33.65 -11.50
N ASP B 248 -12.72 -32.50 -10.84
CA ASP B 248 -13.89 -32.23 -9.98
C ASP B 248 -15.16 -32.04 -10.78
N PHE B 249 -15.03 -31.42 -11.95
CA PHE B 249 -16.16 -31.25 -12.86
C PHE B 249 -16.81 -32.61 -13.19
N ASP B 250 -15.97 -33.58 -13.54
CA ASP B 250 -16.46 -34.94 -13.87
C ASP B 250 -17.27 -35.51 -12.71
N LYS B 251 -16.75 -35.34 -11.50
CA LYS B 251 -17.43 -35.82 -10.29
C LYS B 251 -18.79 -35.16 -10.06
N GLN B 252 -18.81 -33.85 -10.20
CA GLN B 252 -20.05 -33.07 -10.04
C GLN B 252 -21.09 -33.39 -11.10
N LEU B 253 -20.63 -33.54 -12.33
CA LEU B 253 -21.55 -33.90 -13.43
C LEU B 253 -22.18 -35.27 -13.14
N ALA B 254 -21.35 -36.22 -12.70
CA ALA B 254 -21.85 -37.55 -12.33
C ALA B 254 -22.86 -37.48 -11.19
N LYS B 255 -22.55 -36.69 -10.18
CA LYS B 255 -23.43 -36.53 -9.00
C LYS B 255 -24.76 -35.94 -9.40
N GLN B 256 -24.71 -34.84 -10.13
CA GLN B 256 -25.93 -34.16 -10.60
C GLN B 256 -26.77 -35.04 -11.55
N THR B 257 -26.08 -35.81 -12.38
CA THR B 257 -26.76 -36.73 -13.31
C THR B 257 -27.46 -37.82 -12.53
N ALA B 258 -26.76 -38.40 -11.56
CA ALA B 258 -27.36 -39.44 -10.71
C ALA B 258 -28.58 -38.92 -9.94
N ALA B 259 -28.49 -37.67 -9.47
CA ALA B 259 -29.60 -37.01 -8.74
C ALA B 259 -30.86 -36.70 -9.57
N LEU B 260 -30.74 -36.72 -10.90
CA LEU B 260 -31.89 -36.64 -11.82
C LEU B 260 -32.87 -37.80 -11.66
N GLU B 261 -32.34 -38.95 -11.25
CA GLU B 261 -33.15 -40.13 -10.98
C GLU B 261 -33.89 -39.88 -9.68
N LYS B 262 -35.12 -39.45 -9.83
CA LYS B 262 -36.00 -39.16 -8.69
C LYS B 262 -36.42 -40.45 -7.99
N LYS B 263 -36.30 -40.43 -6.67
CA LYS B 263 -36.72 -41.52 -5.82
C LYS B 263 -37.89 -41.06 -4.94
#